data_9E5M
#
_entry.id   9E5M
#
_cell.length_a   40.918
_cell.length_b   78.262
_cell.length_c   80.604
_cell.angle_alpha   90.00
_cell.angle_beta   90.24
_cell.angle_gamma   90.00
#
_symmetry.space_group_name_H-M   'P 1 21 1'
#
loop_
_entity.id
_entity.type
_entity.pdbx_description
1 polymer 'RNA (76-MER)'
2 non-polymer "ethynyl-4,1'-biphenyl-cobalamin"
3 non-polymer N-methylpropane-1,3-diamine
4 non-polymer 2-AMINO-2-HYDROXYMETHYL-PROPANE-1,3-DIOL
5 non-polymer 'MAGNESIUM ION'
6 non-polymer 'POTASSIUM ION'
7 water water
#
_entity_poly.entity_id   1
_entity_poly.type   'polyribonucleotide'
_entity_poly.pdbx_seq_one_letter_code
;(GTP)GUAAAAGCAUAGUGGGAAAGUGACGUGAAAUUCGUCCACACGAAAGUAAGGUCAUAGUCCGAAUGCCACCUACCA
;
_entity_poly.pdbx_strand_id   A,B
#
loop_
_chem_comp.id
_chem_comp.type
_chem_comp.name
_chem_comp.formula
A RNA linking ADENOSINE-5'-MONOPHOSPHATE 'C10 H14 N5 O7 P'
A1BEU non-polymer ethynyl-4,1'-biphenyl-cobalamin 'C76 H98 Co N13 O14 P 2'
C RNA linking CYTIDINE-5'-MONOPHOSPHATE 'C9 H14 N3 O8 P'
G RNA linking GUANOSINE-5'-MONOPHOSPHATE 'C10 H14 N5 O8 P'
GTP non-polymer GUANOSINE-5'-TRIPHOSPHATE 'C10 H16 N5 O14 P3'
K non-polymer 'POTASSIUM ION' 'K 1'
MG non-polymer 'MAGNESIUM ION' 'Mg 2'
N3D non-polymer N-methylpropane-1,3-diamine 'C4 H12 N2'
TRS non-polymer 2-AMINO-2-HYDROXYMETHYL-PROPANE-1,3-DIOL 'C4 H12 N O3 1'
U RNA linking URIDINE-5'-MONOPHOSPHATE 'C9 H13 N2 O9 P'
#
# COMPACT_ATOMS: atom_id res chain seq x y z
PG GTP A 1 -3.63 -23.67 -15.72
O1G GTP A 1 -3.02 -22.34 -15.95
O2G GTP A 1 -4.94 -24.00 -16.37
O3G GTP A 1 -2.53 -24.77 -16.12
O3B GTP A 1 -3.80 -23.91 -14.13
PB GTP A 1 -5.05 -23.22 -13.43
O1B GTP A 1 -4.79 -22.90 -11.99
O2B GTP A 1 -6.30 -23.93 -13.83
O3A GTP A 1 -4.97 -21.87 -14.26
PA GTP A 1 -6.23 -20.94 -14.24
O1A GTP A 1 -6.48 -20.58 -12.81
O2A GTP A 1 -7.28 -21.62 -15.03
O5' GTP A 1 -5.64 -19.69 -15.08
C5' GTP A 1 -4.38 -19.03 -14.86
C4' GTP A 1 -4.30 -17.89 -15.86
O4' GTP A 1 -4.21 -18.54 -17.13
C3' GTP A 1 -5.62 -17.12 -15.98
O3' GTP A 1 -5.79 -15.97 -15.09
C2' GTP A 1 -5.69 -16.76 -17.45
O2' GTP A 1 -4.89 -15.61 -17.78
C1' GTP A 1 -5.07 -17.95 -18.11
N9 GTP A 1 -6.02 -18.97 -18.62
C8 GTP A 1 -6.20 -20.24 -18.18
N7 GTP A 1 -7.09 -20.94 -18.80
C5 GTP A 1 -7.54 -20.02 -19.75
C6 GTP A 1 -8.52 -20.19 -20.74
O6 GTP A 1 -9.13 -21.22 -20.96
N1 GTP A 1 -8.70 -19.07 -21.50
C2 GTP A 1 -8.03 -17.88 -21.32
N2 GTP A 1 -8.33 -16.87 -22.11
N3 GTP A 1 -7.09 -17.72 -20.39
C4 GTP A 1 -6.91 -18.83 -19.65
PG GTP B 1 2.31 18.88 14.99
O1G GTP B 1 3.17 17.94 15.75
O2G GTP B 1 0.88 18.53 14.79
O3G GTP B 1 2.41 20.34 15.68
O3B GTP B 1 2.95 19.10 13.54
PB GTP B 1 4.53 19.32 13.37
O1B GTP B 1 4.79 19.66 11.95
O2B GTP B 1 5.17 18.13 13.96
O3A GTP B 1 4.79 20.60 14.31
PA GTP B 1 6.06 21.53 14.09
O1A GTP B 1 6.55 21.26 12.72
O2A GTP B 1 6.98 21.35 15.23
O5' GTP B 1 5.38 22.99 14.15
C5' GTP B 1 4.95 23.72 12.98
C4' GTP B 1 5.28 25.22 13.00
O4' GTP B 1 5.27 25.74 14.34
C3' GTP B 1 6.70 25.50 12.53
O3' GTP B 1 6.81 25.53 11.11
C2' GTP B 1 7.00 26.83 13.16
O2' GTP B 1 6.43 27.92 12.41
C1' GTP B 1 6.28 26.75 14.48
N9 GTP B 1 7.05 26.24 15.62
C8 GTP B 1 6.89 25.05 16.28
N7 GTP B 1 7.68 24.82 17.29
C5 GTP B 1 8.43 26.00 17.29
C6 GTP B 1 9.44 26.38 18.18
O6 GTP B 1 9.83 25.73 19.11
N1 GTP B 1 9.97 27.61 17.88
C2 GTP B 1 9.56 28.39 16.86
N2 GTP B 1 10.18 29.53 16.72
N3 GTP B 1 8.59 28.09 16.01
C4 GTP B 1 8.08 26.87 16.28
C4 A1BEU C . -4.10 -16.87 7.01
C3 A1BEU C . -3.13 -17.25 8.13
C2 A1BEU C . -3.11 -15.90 8.91
C1 A1BEU C . -3.37 -14.79 7.82
NB1 A1BEU C . -2.03 -12.82 3.16
CB2 A1BEU C . -3.13 -12.83 3.98
NB3 A1BEU C . -3.40 -14.06 4.39
C01 A1BEU C . -13.11 -18.27 6.05
C02 A1BEU C . -13.25 -19.54 6.63
C03 A1BEU C . -14.48 -20.24 6.61
C04 A1BEU C . -15.62 -19.69 5.95
C05 A1BEU C . -15.49 -18.41 5.38
C06 A1BEU C . -14.23 -17.73 5.42
C10 A1BEU C . -6.49 -15.05 2.67
C11 A1BEU C . -6.78 -13.84 3.30
C12 A1BEU C . -7.56 -12.74 2.60
C13 A1BEU C . -7.08 -11.47 3.41
C14 A1BEU C . -6.44 -12.06 4.67
C15 A1BEU C . -6.00 -11.32 5.75
C16 A1BEU C . -5.33 -11.97 6.87
C17 A1BEU C . -4.91 -11.31 8.20
C18 A1BEU C . -3.83 -12.32 8.68
C19 A1BEU C . -4.36 -13.67 8.19
C1L A1BEU C . -6.91 -15.03 6.33
C20 A1BEU C . -2.10 -14.19 7.19
C25 A1BEU C . -1.86 -15.59 9.76
C26 A1BEU C . -4.28 -15.99 9.90
C27 A1BEU C . -4.34 -17.24 10.75
C2L A1BEU C . -8.13 -15.39 6.42
C30 A1BEU C . -1.79 -17.74 7.57
C31 A1BEU C . -1.09 -18.70 8.54
C32 A1BEU C . 0.23 -19.20 8.00
C35 A1BEU C . -4.76 -19.27 6.72
C36 A1BEU C . -5.73 -19.83 3.93
C37 A1BEU C . -7.68 -18.38 4.50
C38 A1BEU C . -8.50 -19.26 3.62
C3L A1BEU C . -9.43 -16.11 6.38
C41 A1BEU C . -4.61 -17.82 1.95
C42 A1BEU C . -4.27 -16.67 1.03
C43 A1BEU C . -3.08 -16.97 0.20
C46 A1BEU C . -9.05 -13.04 2.92
C47 A1BEU C . -7.41 -12.72 1.07
C48 A1BEU C . -5.98 -10.60 2.76
C49 A1BEU C . -6.50 -9.61 1.70
C4L A1BEU C . -10.29 -16.04 5.24
C5 A1BEU C . -4.82 -17.84 6.20
C50 A1BEU C . -7.71 -8.95 2.22
C53 A1BEU C . -6.52 -9.88 5.94
C54 A1BEU C . -6.16 -11.32 9.18
C55 A1BEU C . -4.30 -9.88 8.13
C56 A1BEU C . -3.21 -9.72 7.06
C57 A1BEU C . -2.86 -8.26 6.89
C5L A1BEU C . -11.50 -16.72 5.11
C6 A1BEU C . -5.45 -17.48 5.04
C60 A1BEU C . -3.60 -12.22 10.20
C61 A1BEU C . -2.11 -12.06 10.56
C6L A1BEU C . -11.93 -17.58 6.12
C7 A1BEU C . -6.19 -18.40 4.02
C7L A1BEU C . -11.14 -17.72 7.25
C8 A1BEU C . -5.96 -17.60 2.71
C8L A1BEU C . -9.93 -17.01 7.39
C9 A1BEU C . -5.92 -16.16 3.26
CB4 A1BEU C . -2.20 -16.27 3.94
CB5 A1BEU C . -1.12 -16.82 3.25
CB6 A1BEU C . -0.26 -16.03 2.49
CB7 A1BEU C . -0.46 -14.65 2.38
CB8 A1BEU C . -1.56 -14.11 3.11
CB9 A1BEU C . -2.43 -14.89 3.83
CR1 A1BEU C . -1.39 -11.64 2.60
CR2 A1BEU C . -0.47 -11.07 3.73
CR3 A1BEU C . -0.49 -9.58 3.46
CR4 A1BEU C . -1.94 -9.40 3.03
CR5 A1BEU C . -2.20 -8.26 2.10
N21 A1BEU C . -4.17 -15.59 6.80
N22 A1BEU C . -5.43 -16.17 4.55
N23 A1BEU C . -6.13 -13.41 4.44
N24 A1BEU C . -4.99 -13.23 6.91
N29 A1BEU C . -3.32 -17.47 11.55
N34 A1BEU C . 1.36 -18.91 8.72
N40 A1BEU C . -9.21 -20.22 4.17
N45 A1BEU C . -2.71 -18.22 0.01
N52 A1BEU C . -7.46 -7.83 2.83
N59 A1BEU C . -1.76 -7.78 7.45
N63 A1BEU C . -1.79 -12.33 11.80
O28 A1BEU C . -5.41 -17.90 10.82
O33 A1BEU C . 0.26 -19.70 6.89
O39 A1BEU C . -8.80 -18.85 2.47
O44 A1BEU C . -2.39 -16.04 -0.28
O51 A1BEU C . -8.79 -9.18 1.61
O58 A1BEU C . -3.60 -7.58 6.15
O62 A1BEU C . -1.23 -11.72 9.75
OP2 A1BEU C . -0.32 -8.76 4.66
OP3 A1BEU C . 0.59 -7.03 6.11
OP4 A1BEU C . 1.06 -7.00 3.63
OP5 A1BEU C . 2.26 -8.63 5.08
OR6 A1BEU C . -2.38 -10.65 2.43
OR7 A1BEU C . -0.95 -11.35 5.06
OR8 A1BEU C . -3.54 -8.23 1.59
P1 A1BEU C . 1.00 -7.85 4.81
CB10 A1BEU C . -0.87 -18.30 3.32
CB11 A1BEU C . 0.88 -16.72 1.78
CO1 A1BEU C . -5.18 -14.58 5.62
CPR1 A1BEU C . -1.35 -6.39 7.32
CPR2 A1BEU C . -0.57 -6.17 6.02
CPR3 A1BEU C . -0.16 -4.73 5.91
N1 N3D D . -5.09 -1.96 28.10
C2 N3D D . -3.94 -2.51 27.39
C3 N3D D . -3.80 -1.99 25.93
C4 N3D D . -2.71 -2.66 25.04
N5 N3D D . -2.45 -1.75 23.92
C6 N3D D . -1.45 -2.33 22.96
C TRS E . 2.89 -14.96 5.02
C1 TRS E . 3.70 -16.18 4.54
C2 TRS E . 2.90 -13.90 3.89
C3 TRS E . 1.60 -15.33 5.64
N TRS E . 3.50 -14.40 6.02
O1 TRS E . 3.01 -17.30 5.07
O2 TRS E . 4.20 -13.44 3.54
O3 TRS E . 0.88 -14.14 5.89
MG MG F . -8.61 -22.04 -12.30
MG MG G . -14.54 -15.01 -11.68
MG MG H . -15.56 -20.45 -6.48
MG MG I . -4.68 -7.51 25.98
MG MG J . -11.34 -3.53 30.96
MG MG K . -12.62 0.89 13.35
MG MG L . -9.74 -3.78 13.48
MG MG M . -3.67 -2.55 14.84
MG MG N . -21.11 -10.69 -12.70
K K O . -11.13 -9.28 2.61
C4 A1BEU P . 2.83 9.62 -3.37
C3 A1BEU P . 1.67 8.80 -3.94
C2 A1BEU P . 1.89 9.07 -5.46
C1 A1BEU P . 2.57 10.51 -5.53
NB1 A1BEU P . 2.27 15.58 -4.01
CB2 A1BEU P . 3.24 14.70 -4.41
NB3 A1BEU P . 3.17 13.55 -3.74
C01 A1BEU P . 11.17 7.10 -0.80
C02 A1BEU P . 10.93 5.83 -0.22
C03 A1BEU P . 11.95 5.13 0.46
C04 A1BEU P . 13.27 5.65 0.52
C05 A1BEU P . 13.55 6.90 -0.07
C06 A1BEU P . 12.49 7.60 -0.73
C10 A1BEU P . 6.11 13.32 -1.57
C11 A1BEU P . 6.58 13.64 -2.84
C12 A1BEU P . 7.75 14.59 -3.10
C13 A1BEU P . 7.49 14.94 -4.62
C14 A1BEU P . 6.65 13.73 -5.09
C15 A1BEU P . 6.23 13.53 -6.38
C16 A1BEU P . 5.36 12.43 -6.75
C17 A1BEU P . 4.91 12.02 -8.17
C18 A1BEU P . 3.49 11.38 -7.91
C19 A1BEU P . 3.73 10.78 -6.51
C1L A1BEU P . 6.10 10.56 -4.00
C20 A1BEU P . 1.60 11.67 -5.73
C25 A1BEU P . 0.60 9.05 -6.36
C26 A1BEU P . 2.88 7.96 -5.99
C27 A1BEU P . 2.47 6.54 -5.66
C2L A1BEU P . 7.07 9.92 -3.57
C30 A1BEU P . 0.30 9.18 -3.32
C31 A1BEU P . -0.77 8.11 -3.57
C32 A1BEU P . -2.07 8.50 -2.86
C35 A1BEU P . 3.06 8.09 -1.32
C36 A1BEU P . 3.89 9.66 1.11
C37 A1BEU P . 6.09 9.50 -0.16
C38 A1BEU P . 6.99 9.46 1.06
C3L A1BEU P . 8.13 9.19 -2.88
C41 A1BEU P . 3.78 12.63 0.72
C42 A1BEU P . 3.90 14.15 0.65
C43 A1BEU P . 2.77 14.89 1.34
C46 A1BEU P . 9.07 13.80 -2.93
C47 A1BEU P . 7.91 15.72 -2.04
C48 A1BEU P . 6.74 16.24 -4.98
C49 A1BEU P . 7.55 17.54 -4.91
C4L A1BEU P . 8.13 7.76 -2.78
C5 A1BEU P . 3.32 9.45 -1.99
C50 A1BEU P . 8.82 17.34 -5.70
C53 A1BEU P . 7.08 14.15 -7.50
C54 A1BEU P . 5.99 10.99 -8.68
C55 A1BEU P . 4.80 13.15 -9.25
C56 A1BEU P . 3.76 14.20 -8.89
C57 A1BEU P . 3.86 15.41 -9.79
C5L A1BEU P . 9.14 7.07 -2.06
C6 A1BEU P . 4.14 10.39 -1.39
C60 A1BEU P . 3.15 10.35 -9.06
C61 A1BEU P . 1.74 10.56 -9.51
C6L A1BEU P . 10.19 7.78 -1.44
C7 A1BEU P . 4.77 10.31 0.01
C7L A1BEU P . 10.22 9.16 -1.52
C8 A1BEU P . 5.01 11.83 0.23
C8L A1BEU P . 9.22 9.83 -2.24
C9 A1BEU P . 5.29 12.28 -1.21
CB4 A1BEU P . 1.53 12.81 -1.94
CB5 A1BEU P . 0.42 13.21 -1.18
CB6 A1BEU P . -0.13 14.52 -1.34
CB7 A1BEU P . 0.44 15.42 -2.26
CB8 A1BEU P . 1.52 14.96 -3.04
CB9 A1BEU P . 2.08 13.70 -2.88
CR1 A1BEU P . 2.08 16.92 -4.58
CR2 A1BEU P . 1.21 16.72 -5.86
CR3 A1BEU P . 1.71 17.78 -6.78
CR4 A1BEU P . 3.19 17.82 -6.44
CR5 A1BEU P . 3.72 19.18 -6.61
N21 A1BEU P . 3.32 10.51 -4.19
N22 A1BEU P . 4.56 11.54 -2.04
N23 A1BEU P . 5.95 13.21 -3.99
N24 A1BEU P . 4.57 11.84 -5.90
N29 A1BEU P . 3.34 5.80 -5.01
N34 A1BEU P . -3.13 8.69 -3.64
N40 A1BEU P . 7.02 8.32 1.75
N45 A1BEU P . 2.01 14.21 2.18
N52 A1BEU P . 9.89 17.37 -4.93
N59 A1BEU P . 2.88 15.58 -10.64
N63 A1BEU P . 1.22 9.57 -10.23
O28 A1BEU P . 1.34 6.09 -6.00
O33 A1BEU P . -2.08 8.88 -1.71
O39 A1BEU P . 7.35 10.50 1.64
O44 A1BEU P . 2.34 15.94 0.81
O51 A1BEU P . 8.80 17.60 -6.92
O58 A1BEU P . 4.84 16.17 -9.71
O62 A1BEU P . 1.08 11.59 -9.30
OP2 A1BEU P . 1.63 17.43 -8.18
OP3 A1BEU P . 1.00 17.73 -10.54
OP4 A1BEU P . 0.81 19.66 -8.85
OP5 A1BEU P . -0.82 17.72 -8.85
OR6 A1BEU P . 3.33 17.39 -5.05
OR7 A1BEU P . 1.49 15.46 -6.44
OR8 A1BEU P . 5.11 19.16 -6.53
P1 A1BEU P . 0.58 18.22 -9.09
CB10 A1BEU P . -0.16 12.26 -0.15
CB11 A1BEU P . -1.33 14.99 -0.49
CO1 A1BEU P . 4.63 11.79 -3.99
CPR1 A1BEU P . 2.82 16.69 -11.55
CPR2 A1BEU P . 2.35 17.99 -10.98
CPR3 A1BEU P . 2.24 19.11 -11.98
N1 N3D Q . 5.16 2.92 -28.22
C2 N3D Q . 4.03 3.45 -27.49
C3 N3D Q . 4.30 4.89 -26.96
C4 N3D Q . 3.04 5.44 -26.27
N5 N3D Q . 3.16 6.85 -25.89
C6 N3D Q . 2.15 7.41 -24.96
C TRS R . -3.33 13.91 -4.55
C1 TRS R . -4.37 14.15 -3.45
C2 TRS R . -2.46 15.17 -4.64
C3 TRS R . -2.70 12.56 -4.50
N TRS R . -3.94 13.91 -5.70
O1 TRS R . -4.49 12.95 -2.72
O2 TRS R . -3.26 16.34 -4.44
O3 TRS R . -1.33 12.63 -4.79
MG MG S . 8.46 18.06 13.88
MG MG T . 21.90 6.60 -27.84
MG MG U . 15.49 21.82 8.80
MG MG V . 22.82 23.99 6.66
MG MG W . 14.69 14.32 9.32
MG MG X . 3.61 1.14 -22.71
MG MG Y . 10.57 -1.81 -28.01
MG MG Z . 14.78 13.98 -19.75
MG MG AA . 10.85 11.71 -16.72
MG MG BA . 7.33 14.10 -23.20
K K CA . 12.07 15.79 -5.36
#